data_9Q5K
#
_entry.id   9Q5K
#
_cell.length_a   183.136
_cell.length_b   183.136
_cell.length_c   183.136
_cell.angle_alpha   90.000
_cell.angle_beta   90.000
_cell.angle_gamma   90.000
#
_symmetry.space_group_name_H-M   'P 41 3 2'
#
loop_
_entity.id
_entity.type
_entity.pdbx_description
1 polymer "DNA (5'-D(*CP*GP*AP*CP*TP*GP*CP*CP*TP*GP*TP*AP*CP*GP*GP*AP*CP*AP*GP*AP*TP*CP*A)-3')"
2 polymer "DNA (5'-D(*CP*CP*GP*TP*AP*CP*A)-3')"
3 polymer "DNA (5'-D(P*GP*GP*CP*AP*GP*TP*CP*G)-3')"
4 polymer "DNA (5'-D(*TP*GP*AP*TP*CP*TP*GP*T)-3')"
#
loop_
_entity_poly.entity_id
_entity_poly.type
_entity_poly.pdbx_seq_one_letter_code
_entity_poly.pdbx_strand_id
1 'polydeoxyribonucleotide'
;(DC)(DG)(DA)(DC)(DT)(DG)(DC)(DC)(DT)(DG)(DT)(DA)(DC)(DG)(DG)(DA)(DC)(DA)(DG)(DA)
(DT)(DC)(DA)
;
A,E
2 'polydeoxyribonucleotide' (DC)(DC)(DG)(DT)(DA)(DC)(DA) B,F
3 'polydeoxyribonucleotide' (DG)(DG)(DC)(DA)(DG)(DT)(DC)(DG) C,G
4 'polydeoxyribonucleotide' (DT)(DG)(DA)(DT)(DC)(DT)(DG)(DT) D,H
#